data_3ZCW
#
_entry.id   3ZCW
#
_cell.length_a   107.940
_cell.length_b   62.890
_cell.length_c   75.050
_cell.angle_alpha   90.00
_cell.angle_beta   117.46
_cell.angle_gamma   90.00
#
_symmetry.space_group_name_H-M   'C 1 2 1'
#
loop_
_entity.id
_entity.type
_entity.pdbx_description
1 polymer 'KINESIN-LIKE PROTEIN KIF11'
2 non-polymer "ADENOSINE-5'-DIPHOSPHATE"
3 non-polymer 'MAGNESIUM ION'
4 non-polymer '(2E)-2-(3-fluoranyl-4-methoxy-phenyl)imino-1-[[2-(trifluoromethyl)phenyl]methyl]-3H-benzimidazole-5-carboxylic acid'
5 non-polymer '4-(2-HYDROXYETHYL)-1-PIPERAZINE ETHANESULFONIC ACID'
6 non-polymer DI(HYDROXYETHYL)ETHER
7 water water
#
_entity_poly.entity_id   1
_entity_poly.type   'polypeptide(L)'
_entity_poly.pdbx_seq_one_letter_code
;GKNIQVVVRCRPFNLAERKASAHSIVECDPVRKEVSVRTGGLADKSSRKTYTFDMVFGASTKQIDVYRSVVCPILDEVIM
GYNCTIFAYGQTGTGKTFTMEGERSPNEEYTWEEDPLAGIIPRTLHQIFEKLTDNGTEFSVKVSLLEIYNEELFDLLNPS
SDVSERLQMFDDPRNKRGVIIKGLEEITVHNKDEVYQILEKGAAKRTTAATLMNAYSSRSHSVFSVTIHMKETTIDGEEL
VKIGKLNLVDLAGSENIGRSGAVDKRAREAGNINQSLLTLGRVITALVERTPHVPYRESKLTRILQDSLGGRTRTSIIAT
ISPASLNLEETLSTLEYAHRAKNILNKP
;
_entity_poly.pdbx_strand_id   A
#
# COMPACT_ATOMS: atom_id res chain seq x y z
N ASN A 3 -1.66 13.39 -9.86
CA ASN A 3 -2.48 12.25 -9.46
C ASN A 3 -1.75 11.29 -8.52
N ILE A 4 -0.58 11.67 -8.04
CA ILE A 4 0.15 10.83 -7.08
C ILE A 4 0.33 11.51 -5.72
N GLN A 5 -0.34 10.95 -4.73
CA GLN A 5 -0.39 11.46 -3.38
C GLN A 5 0.74 10.80 -2.56
N VAL A 6 1.42 11.59 -1.74
CA VAL A 6 2.52 11.07 -0.92
C VAL A 6 2.27 11.44 0.53
N VAL A 7 2.21 10.42 1.39
CA VAL A 7 1.93 10.69 2.78
C VAL A 7 2.96 9.95 3.60
N VAL A 8 3.19 10.45 4.79
CA VAL A 8 4.17 9.79 5.68
C VAL A 8 3.47 9.31 6.93
N ARG A 9 3.83 8.10 7.38
CA ARG A 9 3.29 7.60 8.64
C ARG A 9 4.46 7.24 9.57
N CYS A 10 4.51 7.87 10.74
CA CYS A 10 5.57 7.50 11.69
C CYS A 10 4.96 6.63 12.79
N ARG A 11 5.59 5.50 13.10
CA ARG A 11 5.08 4.66 14.19
C ARG A 11 5.70 5.09 15.52
N PRO A 12 5.14 4.60 16.64
CA PRO A 12 5.72 4.90 17.95
C PRO A 12 7.05 4.21 18.13
N PHE A 13 7.80 4.68 19.14
CA PHE A 13 9.05 4.01 19.54
C PHE A 13 8.77 2.58 19.93
N ASN A 14 9.65 1.65 19.58
CA ASN A 14 9.52 0.28 20.09
C ASN A 14 10.57 -0.06 21.16
N LEU A 15 10.41 -1.22 21.80
CA LEU A 15 11.30 -1.54 22.93
C LEU A 15 12.73 -1.78 22.49
N ALA A 16 12.93 -2.26 21.25
CA ALA A 16 14.29 -2.48 20.72
C ALA A 16 15.03 -1.13 20.66
N GLU A 17 14.32 -0.13 20.18
CA GLU A 17 14.87 1.21 20.14
C GLU A 17 15.13 1.76 21.55
N ARG A 18 14.25 1.48 22.52
CA ARG A 18 14.53 1.95 23.90
C ARG A 18 15.74 1.25 24.48
N LYS A 19 15.79 -0.06 24.25
CA LYS A 19 16.97 -0.85 24.68
C LYS A 19 18.30 -0.33 24.14
N ALA A 20 18.31 0.02 22.86
CA ALA A 20 19.45 0.69 22.25
C ALA A 20 19.74 2.12 22.76
N SER A 21 18.94 2.63 23.70
CA SER A 21 19.08 3.99 24.21
CA SER A 21 19.05 3.99 24.20
C SER A 21 19.00 5.04 23.10
N ALA A 22 18.17 4.78 22.10
CA ALA A 22 17.98 5.74 21.04
C ALA A 22 17.16 6.90 21.57
N HIS A 23 17.18 8.03 20.88
CA HIS A 23 16.36 9.15 21.29
C HIS A 23 15.49 9.54 20.10
N SER A 24 14.48 10.34 20.33
CA SER A 24 13.55 10.69 19.26
C SER A 24 14.18 11.75 18.39
N ILE A 25 14.17 11.54 17.07
CA ILE A 25 14.70 12.56 16.16
C ILE A 25 13.66 13.03 15.14
N VAL A 26 12.41 12.63 15.33
CA VAL A 26 11.35 12.95 14.35
C VAL A 26 10.25 13.66 15.08
N GLU A 27 9.80 14.77 14.51
CA GLU A 27 8.62 15.45 14.99
C GLU A 27 7.66 15.54 13.81
N CYS A 28 6.42 15.15 14.05
CA CYS A 28 5.43 15.18 13.00
C CYS A 28 4.39 16.26 13.29
N ASP A 29 3.96 16.94 12.23
CA ASP A 29 2.95 17.97 12.36
C ASP A 29 1.88 17.72 11.31
N PRO A 30 0.79 17.06 11.72
CA PRO A 30 -0.28 16.69 10.77
C PRO A 30 -0.97 17.91 10.20
N VAL A 31 -1.02 19.02 10.95
CA VAL A 31 -1.69 20.23 10.47
C VAL A 31 -0.90 20.93 9.37
N ARG A 32 0.41 21.08 9.54
CA ARG A 32 1.26 21.70 8.51
C ARG A 32 1.71 20.68 7.47
N LYS A 33 1.38 19.41 7.73
CA LYS A 33 1.78 18.31 6.86
C LYS A 33 3.29 18.22 6.74
N GLU A 34 3.98 18.35 7.88
CA GLU A 34 5.42 18.40 7.88
C GLU A 34 6.04 17.26 8.71
N VAL A 35 7.22 16.84 8.31
CA VAL A 35 8.09 16.00 9.11
C VAL A 35 9.41 16.71 9.29
N SER A 36 9.83 16.91 10.55
CA SER A 36 11.12 17.51 10.84
C SER A 36 12.03 16.49 11.51
N VAL A 37 13.29 16.43 11.03
CA VAL A 37 14.24 15.43 11.50
C VAL A 37 15.50 16.07 11.99
N ARG A 38 15.85 15.76 13.24
CA ARG A 38 17.15 16.18 13.81
C ARG A 38 18.26 15.37 13.17
N THR A 39 19.22 16.05 12.54
CA THR A 39 20.17 15.36 11.70
C THR A 39 21.60 15.38 12.22
N GLY A 40 21.85 16.13 13.28
CA GLY A 40 23.21 16.37 13.76
C GLY A 40 23.69 15.48 14.90
N GLY A 41 22.84 14.57 15.37
CA GLY A 41 23.22 13.69 16.46
C GLY A 41 23.21 14.39 17.80
N ASP A 44 25.36 17.43 17.15
CA ASP A 44 24.72 18.73 16.97
C ASP A 44 23.49 18.88 17.85
N LYS A 45 22.64 19.83 17.52
CA LYS A 45 21.42 20.09 18.26
C LYS A 45 20.41 20.86 17.43
N SER A 46 20.90 21.87 16.71
CA SER A 46 20.03 22.70 15.88
C SER A 46 19.92 22.18 14.44
N SER A 47 20.83 21.29 14.04
CA SER A 47 20.77 20.71 12.69
C SER A 47 19.41 20.03 12.48
N ARG A 48 18.64 20.50 11.51
CA ARG A 48 17.32 19.93 11.31
C ARG A 48 16.85 20.13 9.87
N LYS A 49 16.21 19.11 9.32
CA LYS A 49 15.68 19.21 7.96
C LYS A 49 14.17 19.01 8.03
N THR A 50 13.41 19.84 7.31
CA THR A 50 11.96 19.72 7.31
C THR A 50 11.43 19.39 5.92
N TYR A 51 10.49 18.47 5.88
CA TYR A 51 9.90 17.98 4.63
C TYR A 51 8.40 18.19 4.69
N THR A 52 7.79 18.48 3.53
CA THR A 52 6.35 18.69 3.45
C THR A 52 5.70 17.65 2.51
N PHE A 53 4.57 17.12 2.95
CA PHE A 53 3.89 16.06 2.22
C PHE A 53 2.42 16.37 2.04
N ASP A 54 1.68 15.47 1.39
CA ASP A 54 0.23 15.66 1.27
C ASP A 54 -0.49 15.45 2.59
N MET A 55 -0.01 14.47 3.37
CA MET A 55 -0.49 14.23 4.73
CA MET A 55 -0.50 14.22 4.73
C MET A 55 0.65 13.67 5.56
N VAL A 56 0.60 13.87 6.87
CA VAL A 56 1.61 13.29 7.79
C VAL A 56 0.85 12.74 8.98
N PHE A 57 1.02 11.45 9.27
CA PHE A 57 0.37 10.83 10.40
C PHE A 57 1.43 10.50 11.42
N GLY A 58 1.24 10.99 12.65
CA GLY A 58 2.18 10.71 13.72
C GLY A 58 1.88 9.42 14.45
N ALA A 59 2.67 9.17 15.50
CA ALA A 59 2.62 7.95 16.26
C ALA A 59 1.28 7.55 16.89
N SER A 60 0.40 8.51 17.16
CA SER A 60 -0.89 8.20 17.78
CA SER A 60 -0.88 8.18 17.80
C SER A 60 -1.95 7.81 16.76
N THR A 61 -1.60 7.90 15.48
CA THR A 61 -2.58 7.65 14.39
C THR A 61 -3.19 6.26 14.45
N LYS A 62 -4.52 6.19 14.43
CA LYS A 62 -5.23 4.89 14.39
C LYS A 62 -5.42 4.36 12.99
N GLN A 63 -5.55 3.04 12.86
CA GLN A 63 -5.70 2.42 11.51
C GLN A 63 -6.88 3.01 10.77
N ILE A 64 -8.01 3.17 11.45
CA ILE A 64 -9.17 3.74 10.79
C ILE A 64 -8.93 5.15 10.21
N ASP A 65 -8.09 5.95 10.88
CA ASP A 65 -7.73 7.28 10.38
C ASP A 65 -7.00 7.21 9.04
N VAL A 66 -6.03 6.29 8.93
CA VAL A 66 -5.31 6.12 7.67
C VAL A 66 -6.26 5.69 6.57
N TYR A 67 -7.15 4.75 6.91
CA TYR A 67 -8.11 4.24 5.94
C TYR A 67 -8.99 5.36 5.42
N ARG A 68 -9.63 6.08 6.34
CA ARG A 68 -10.55 7.12 5.93
C ARG A 68 -9.88 8.22 5.15
N SER A 69 -8.69 8.58 5.59
CA SER A 69 -8.02 9.71 4.97
CA SER A 69 -7.97 9.70 4.99
C SER A 69 -7.42 9.35 3.62
N VAL A 70 -6.88 8.14 3.48
CA VAL A 70 -6.13 7.80 2.28
C VAL A 70 -6.91 6.89 1.31
N VAL A 71 -7.57 5.87 1.86
CA VAL A 71 -8.10 4.84 1.00
C VAL A 71 -9.51 5.15 0.48
N CYS A 72 -10.35 5.72 1.32
CA CYS A 72 -11.75 5.94 0.94
CA CYS A 72 -11.75 5.94 0.96
C CYS A 72 -11.92 6.64 -0.37
N PRO A 73 -11.23 7.80 -0.55
CA PRO A 73 -11.40 8.50 -1.83
C PRO A 73 -10.91 7.68 -3.01
N ILE A 74 -9.87 6.87 -2.80
CA ILE A 74 -9.39 6.01 -3.86
C ILE A 74 -10.35 4.87 -4.17
N LEU A 75 -10.96 4.31 -3.14
CA LEU A 75 -11.95 3.24 -3.37
C LEU A 75 -13.11 3.78 -4.18
N ASP A 76 -13.54 5.00 -3.86
CA ASP A 76 -14.65 5.61 -4.63
C ASP A 76 -14.35 5.70 -6.11
N GLU A 77 -13.11 6.01 -6.45
CA GLU A 77 -12.68 6.04 -7.84
C GLU A 77 -12.67 4.63 -8.45
N VAL A 78 -12.19 3.64 -7.71
CA VAL A 78 -12.21 2.29 -8.21
C VAL A 78 -13.64 1.83 -8.52
N ILE A 79 -14.59 2.28 -7.68
CA ILE A 79 -15.99 1.84 -7.84
C ILE A 79 -16.63 2.47 -9.08
N MET A 80 -16.07 3.57 -9.53
CA MET A 80 -16.50 4.19 -10.77
C MET A 80 -15.95 3.44 -11.98
N GLY A 81 -15.09 2.45 -11.75
CA GLY A 81 -14.56 1.64 -12.84
C GLY A 81 -13.15 1.99 -13.27
N TYR A 82 -12.34 2.43 -12.32
CA TYR A 82 -10.98 2.75 -12.67
C TYR A 82 -10.06 1.77 -11.95
N ASN A 83 -8.79 1.77 -12.32
CA ASN A 83 -7.79 0.94 -11.64
CA ASN A 83 -7.81 0.94 -11.65
C ASN A 83 -6.88 1.85 -10.84
N CYS A 84 -6.69 1.54 -9.56
CA CYS A 84 -5.84 2.39 -8.72
C CYS A 84 -4.91 1.52 -7.91
N THR A 85 -3.86 2.15 -7.39
CA THR A 85 -2.83 1.46 -6.60
C THR A 85 -2.45 2.29 -5.40
N ILE A 86 -2.31 1.61 -4.26
CA ILE A 86 -1.78 2.23 -3.04
C ILE A 86 -0.55 1.41 -2.64
N PHE A 87 0.54 2.11 -2.31
CA PHE A 87 1.82 1.48 -1.88
C PHE A 87 2.14 1.77 -0.41
N ALA A 88 2.81 0.82 0.26
CA ALA A 88 3.51 1.11 1.53
C ALA A 88 4.98 0.94 1.25
N TYR A 89 5.75 1.98 1.54
CA TYR A 89 7.20 2.02 1.26
C TYR A 89 7.95 2.44 2.53
N GLY A 90 9.08 1.81 2.82
CA GLY A 90 9.88 2.20 3.97
C GLY A 90 10.76 1.08 4.49
N GLN A 91 11.59 1.44 5.45
CA GLN A 91 12.55 0.51 6.04
C GLN A 91 11.85 -0.66 6.71
N THR A 92 12.46 -1.84 6.67
CA THR A 92 11.92 -2.95 7.43
C THR A 92 11.74 -2.58 8.90
N GLY A 93 10.57 -2.92 9.42
CA GLY A 93 10.20 -2.70 10.80
C GLY A 93 9.47 -1.42 11.12
N THR A 94 9.17 -0.61 10.09
CA THR A 94 8.60 0.71 10.30
C THR A 94 7.06 0.73 10.15
N GLY A 95 6.46 -0.32 9.58
CA GLY A 95 5.00 -0.41 9.57
C GLY A 95 4.30 -0.64 8.26
N LYS A 96 5.04 -1.07 7.24
CA LYS A 96 4.42 -1.36 5.95
C LYS A 96 3.31 -2.40 6.08
N THR A 97 3.62 -3.54 6.71
CA THR A 97 2.65 -4.63 6.81
C THR A 97 1.54 -4.31 7.80
N PHE A 98 1.90 -3.72 8.95
CA PHE A 98 0.85 -3.26 9.87
C PHE A 98 -0.12 -2.29 9.14
N THR A 99 0.41 -1.41 8.32
CA THR A 99 -0.47 -0.48 7.60
C THR A 99 -1.34 -1.16 6.56
N MET A 100 -0.76 -2.09 5.79
CA MET A 100 -1.53 -2.68 4.70
CA MET A 100 -1.52 -2.73 4.69
C MET A 100 -2.47 -3.81 5.16
N GLU A 101 -2.00 -4.65 6.08
CA GLU A 101 -2.79 -5.80 6.56
C GLU A 101 -3.38 -5.53 7.92
N GLY A 102 -2.53 -4.99 8.78
CA GLY A 102 -2.87 -4.84 10.18
C GLY A 102 -2.96 -6.21 10.87
N GLU A 103 -3.71 -6.27 11.96
CA GLU A 103 -3.83 -7.50 12.68
C GLU A 103 -5.09 -7.52 13.54
N ARG A 104 -5.31 -8.65 14.19
CA ARG A 104 -6.46 -8.81 15.06
C ARG A 104 -6.03 -8.54 16.52
N SER A 105 -6.86 -7.78 17.22
CA SER A 105 -6.64 -7.51 18.63
C SER A 105 -6.75 -8.85 19.33
N PRO A 106 -5.95 -9.03 20.40
CA PRO A 106 -5.90 -10.31 21.12
C PRO A 106 -7.23 -10.78 21.71
N ASN A 107 -7.33 -12.10 21.89
CA ASN A 107 -8.47 -12.73 22.53
C ASN A 107 -9.78 -12.63 21.77
N GLU A 108 -9.71 -12.37 20.48
CA GLU A 108 -10.92 -12.33 19.66
C GLU A 108 -11.86 -11.24 20.14
N GLU A 109 -11.33 -10.14 20.66
CA GLU A 109 -12.19 -9.12 21.25
C GLU A 109 -13.19 -8.49 20.26
N TYR A 110 -12.80 -8.44 18.98
CA TYR A 110 -13.60 -7.81 17.93
C TYR A 110 -13.69 -8.74 16.75
N THR A 111 -14.70 -8.55 15.91
CA THR A 111 -14.69 -9.17 14.59
C THR A 111 -13.64 -8.44 13.76
N TRP A 112 -13.22 -9.03 12.65
CA TRP A 112 -12.27 -8.36 11.77
C TRP A 112 -12.87 -7.05 11.26
N GLU A 113 -14.18 -7.04 11.06
CA GLU A 113 -14.82 -5.89 10.44
C GLU A 113 -14.73 -4.69 11.37
N GLU A 114 -14.76 -4.96 12.66
CA GLU A 114 -14.81 -3.89 13.63
C GLU A 114 -13.46 -3.65 14.33
N ASP A 115 -12.50 -4.55 14.10
CA ASP A 115 -11.24 -4.51 14.87
C ASP A 115 -10.44 -3.22 14.62
N PRO A 116 -10.13 -2.47 15.68
CA PRO A 116 -9.38 -1.23 15.51
C PRO A 116 -7.96 -1.43 14.94
N LEU A 117 -7.43 -2.66 14.99
CA LEU A 117 -6.09 -2.89 14.48
C LEU A 117 -6.07 -3.41 13.04
N ALA A 118 -7.25 -3.67 12.47
CA ALA A 118 -7.32 -4.07 11.07
C ALA A 118 -6.72 -2.96 10.17
N GLY A 119 -5.97 -3.38 9.14
CA GLY A 119 -5.32 -2.45 8.23
C GLY A 119 -6.11 -2.22 6.94
N ILE A 120 -5.42 -1.73 5.91
CA ILE A 120 -6.09 -1.26 4.70
C ILE A 120 -6.84 -2.37 3.97
N ILE A 121 -6.19 -3.53 3.81
CA ILE A 121 -6.79 -4.61 3.01
C ILE A 121 -8.10 -5.09 3.63
N PRO A 122 -8.09 -5.49 4.93
CA PRO A 122 -9.40 -5.91 5.48
C PRO A 122 -10.45 -4.81 5.47
N ARG A 123 -10.06 -3.56 5.69
CA ARG A 123 -11.08 -2.52 5.70
C ARG A 123 -11.69 -2.28 4.33
N THR A 124 -10.82 -2.33 3.32
CA THR A 124 -11.25 -2.14 1.94
C THR A 124 -12.24 -3.27 1.57
N LEU A 125 -11.90 -4.51 1.92
CA LEU A 125 -12.79 -5.63 1.56
C LEU A 125 -14.17 -5.45 2.22
N HIS A 126 -14.20 -5.07 3.49
CA HIS A 126 -15.48 -4.79 4.16
C HIS A 126 -16.25 -3.62 3.55
N GLN A 127 -15.53 -2.58 3.18
CA GLN A 127 -16.21 -1.40 2.66
C GLN A 127 -16.77 -1.65 1.29
N ILE A 128 -16.10 -2.49 0.50
CA ILE A 128 -16.64 -2.76 -0.82
C ILE A 128 -18.02 -3.38 -0.69
N PHE A 129 -18.18 -4.34 0.21
CA PHE A 129 -19.50 -4.92 0.43
C PHE A 129 -20.49 -3.87 0.92
N GLU A 130 -20.09 -3.09 1.91
CA GLU A 130 -20.93 -1.97 2.39
C GLU A 130 -21.37 -1.01 1.30
N LYS A 131 -20.41 -0.49 0.56
CA LYS A 131 -20.70 0.55 -0.43
C LYS A 131 -21.59 0.05 -1.56
N LEU A 132 -21.38 -1.20 -1.99
CA LEU A 132 -22.14 -1.72 -3.12
C LEU A 132 -23.45 -2.38 -2.74
N THR A 133 -23.55 -2.96 -1.54
CA THR A 133 -24.85 -3.49 -1.16
C THR A 133 -25.84 -2.36 -0.88
N ASP A 134 -25.35 -1.23 -0.38
CA ASP A 134 -26.21 -0.10 -0.10
CA ASP A 134 -26.24 -0.10 -0.12
C ASP A 134 -26.45 0.72 -1.39
N ASN A 135 -25.62 0.46 -2.40
CA ASN A 135 -25.77 1.04 -3.73
C ASN A 135 -26.97 0.41 -4.44
N GLY A 136 -27.25 -0.85 -4.09
CA GLY A 136 -28.41 -1.55 -4.62
C GLY A 136 -28.14 -2.50 -5.78
N THR A 137 -26.97 -2.37 -6.39
CA THR A 137 -26.65 -3.13 -7.61
C THR A 137 -26.01 -4.51 -7.41
N GLU A 138 -25.81 -5.20 -8.53
CA GLU A 138 -25.29 -6.57 -8.54
C GLU A 138 -23.79 -6.52 -8.82
N PHE A 139 -23.00 -7.26 -8.06
CA PHE A 139 -21.55 -7.19 -8.21
C PHE A 139 -20.89 -8.46 -7.73
N SER A 140 -19.62 -8.63 -8.12
CA SER A 140 -18.82 -9.71 -7.57
CA SER A 140 -18.81 -9.73 -7.62
C SER A 140 -17.44 -9.18 -7.28
N VAL A 141 -16.76 -9.89 -6.39
CA VAL A 141 -15.46 -9.43 -5.90
C VAL A 141 -14.50 -10.61 -5.98
N LYS A 142 -13.32 -10.39 -6.56
CA LYS A 142 -12.30 -11.43 -6.63
C LYS A 142 -11.01 -10.88 -6.06
N VAL A 143 -10.25 -11.73 -5.39
CA VAL A 143 -8.96 -11.29 -4.85
C VAL A 143 -7.81 -12.20 -5.28
N SER A 144 -6.63 -11.61 -5.45
CA SER A 144 -5.44 -12.40 -5.66
C SER A 144 -4.34 -11.82 -4.78
N LEU A 145 -3.35 -12.65 -4.50
CA LEU A 145 -2.20 -12.17 -3.73
C LEU A 145 -0.93 -12.81 -4.23
N LEU A 146 0.00 -12.00 -4.72
CA LEU A 146 1.23 -12.55 -5.24
C LEU A 146 2.42 -11.87 -4.60
N GLU A 147 3.56 -12.59 -4.58
CA GLU A 147 4.80 -12.10 -4.03
C GLU A 147 5.83 -12.00 -5.13
N ILE A 148 6.61 -10.92 -5.15
CA ILE A 148 7.72 -10.79 -6.08
C ILE A 148 9.00 -10.83 -5.27
N TYR A 149 9.78 -11.88 -5.46
CA TYR A 149 11.01 -12.05 -4.73
C TYR A 149 12.09 -12.38 -5.74
N ASN A 150 13.15 -11.57 -5.79
CA ASN A 150 14.24 -11.79 -6.76
C ASN A 150 13.76 -11.82 -8.21
N GLU A 151 12.85 -10.90 -8.54
CA GLU A 151 12.29 -10.77 -9.89
C GLU A 151 11.56 -12.04 -10.34
N GLU A 152 11.07 -12.83 -9.38
CA GLU A 152 10.24 -13.98 -9.70
C GLU A 152 8.92 -13.92 -8.94
N LEU A 153 7.89 -14.49 -9.56
CA LEU A 153 6.50 -14.40 -9.07
C LEU A 153 6.09 -15.63 -8.30
N PHE A 154 5.40 -15.42 -7.17
CA PHE A 154 4.93 -16.53 -6.35
C PHE A 154 3.49 -16.26 -5.94
N ASP A 155 2.67 -17.31 -6.00
CA ASP A 155 1.27 -17.18 -5.60
C ASP A 155 1.09 -17.43 -4.11
N LEU A 156 0.67 -16.39 -3.36
CA LEU A 156 0.59 -16.54 -1.91
C LEU A 156 -0.69 -17.24 -1.46
N LEU A 157 -1.66 -17.33 -2.36
CA LEU A 157 -2.92 -18.01 -2.09
C LEU A 157 -2.83 -19.48 -2.53
N ASN A 158 -1.84 -19.82 -3.34
CA ASN A 158 -1.68 -21.20 -3.87
C ASN A 158 -0.21 -21.63 -4.00
N LEU A 167 4.73 -19.02 -11.44
CA LEU A 167 3.85 -18.17 -12.22
C LEU A 167 4.61 -17.62 -13.43
N GLN A 168 3.90 -17.44 -14.54
CA GLN A 168 4.50 -16.85 -15.73
C GLN A 168 3.66 -15.67 -16.22
N MET A 169 4.33 -14.59 -16.57
CA MET A 169 3.67 -13.37 -17.03
C MET A 169 3.75 -13.22 -18.55
N PHE A 170 2.65 -12.80 -19.17
CA PHE A 170 2.64 -12.50 -20.60
C PHE A 170 1.80 -11.27 -20.85
N ASP A 171 2.18 -10.44 -21.82
CA ASP A 171 1.33 -9.32 -22.18
C ASP A 171 -0.07 -9.81 -22.59
N ASP A 172 -1.09 -9.02 -22.28
CA ASP A 172 -2.47 -9.39 -22.54
C ASP A 172 -2.90 -8.86 -23.91
N PRO A 173 -3.28 -9.78 -24.84
CA PRO A 173 -3.62 -9.40 -26.22
C PRO A 173 -4.82 -8.45 -26.30
N ARG A 174 -5.68 -8.48 -25.28
CA ARG A 174 -6.89 -7.65 -25.26
C ARG A 174 -6.78 -6.43 -24.33
N ASN A 175 -5.56 -6.05 -23.99
CA ASN A 175 -5.29 -4.91 -23.12
C ASN A 175 -3.85 -4.45 -23.29
N LYS A 176 -3.65 -3.34 -23.98
CA LYS A 176 -2.31 -2.86 -24.34
C LYS A 176 -1.45 -2.42 -23.17
N ARG A 177 -2.04 -2.31 -21.98
CA ARG A 177 -1.27 -1.86 -20.81
C ARG A 177 -1.27 -2.92 -19.72
N GLY A 178 -1.88 -4.07 -20.03
CA GLY A 178 -2.11 -5.10 -19.05
C GLY A 178 -1.32 -6.36 -19.30
N VAL A 179 -1.28 -7.23 -18.30
CA VAL A 179 -0.61 -8.52 -18.45
C VAL A 179 -1.45 -9.64 -17.91
N ILE A 180 -1.18 -10.85 -18.38
CA ILE A 180 -1.86 -12.01 -17.87
C ILE A 180 -0.89 -12.87 -17.10
N ILE A 181 -1.25 -13.20 -15.86
CA ILE A 181 -0.37 -14.03 -15.07
C ILE A 181 -0.91 -15.44 -15.08
N LYS A 182 -0.23 -16.31 -15.82
CA LYS A 182 -0.69 -17.68 -16.00
C LYS A 182 -0.64 -18.46 -14.69
N GLY A 183 -1.78 -18.96 -14.26
CA GLY A 183 -1.84 -19.82 -13.08
C GLY A 183 -2.14 -19.10 -11.77
N LEU A 184 -2.29 -17.79 -11.82
CA LEU A 184 -2.53 -17.01 -10.60
C LEU A 184 -3.93 -17.28 -10.07
N GLU A 185 -4.00 -17.68 -8.79
CA GLU A 185 -5.28 -17.96 -8.15
C GLU A 185 -6.07 -16.66 -7.92
N GLU A 186 -7.28 -16.62 -8.46
CA GLU A 186 -8.20 -15.50 -8.22
C GLU A 186 -9.49 -16.01 -7.62
N ILE A 187 -9.66 -15.72 -6.34
CA ILE A 187 -10.74 -16.31 -5.57
CA ILE A 187 -10.75 -16.33 -5.60
C ILE A 187 -11.91 -15.35 -5.45
N THR A 188 -13.12 -15.86 -5.65
CA THR A 188 -14.31 -15.06 -5.46
C THR A 188 -14.64 -14.99 -3.98
N VAL A 189 -14.89 -13.77 -3.51
CA VAL A 189 -15.26 -13.52 -2.15
C VAL A 189 -16.73 -13.14 -2.17
N HIS A 190 -17.57 -14.05 -1.68
CA HIS A 190 -19.01 -13.94 -1.91
C HIS A 190 -19.71 -13.04 -0.93
N ASN A 191 -19.18 -12.98 0.29
CA ASN A 191 -19.82 -12.23 1.35
C ASN A 191 -18.77 -11.88 2.40
N LYS A 192 -19.17 -11.18 3.46
CA LYS A 192 -18.25 -10.81 4.53
C LYS A 192 -17.75 -12.00 5.32
N ASP A 193 -18.53 -13.08 5.40
CA ASP A 193 -18.05 -14.29 6.08
C ASP A 193 -16.82 -14.86 5.37
N GLU A 194 -16.85 -14.85 4.04
CA GLU A 194 -15.65 -15.26 3.33
C GLU A 194 -14.47 -14.32 3.48
N VAL A 195 -14.73 -13.03 3.73
CA VAL A 195 -13.66 -12.08 4.06
C VAL A 195 -12.96 -12.52 5.36
N TYR A 196 -13.77 -12.76 6.38
CA TYR A 196 -13.28 -13.25 7.66
C TYR A 196 -12.40 -14.47 7.45
N GLN A 197 -12.82 -15.40 6.59
CA GLN A 197 -12.08 -16.64 6.42
C GLN A 197 -10.70 -16.45 5.79
N ILE A 198 -10.62 -15.61 4.77
CA ILE A 198 -9.34 -15.31 4.14
C ILE A 198 -8.40 -14.61 5.11
N LEU A 199 -8.93 -13.70 5.94
CA LEU A 199 -8.11 -12.96 6.92
C LEU A 199 -7.60 -13.92 8.02
N GLU A 200 -8.46 -14.82 8.47
CA GLU A 200 -8.06 -15.81 9.47
C GLU A 200 -6.96 -16.68 8.93
N LYS A 201 -7.09 -17.09 7.67
CA LYS A 201 -6.05 -17.88 7.02
C LYS A 201 -4.73 -17.12 6.89
N GLY A 202 -4.81 -15.85 6.47
CA GLY A 202 -3.59 -15.06 6.36
C GLY A 202 -2.90 -14.84 7.70
N ALA A 203 -3.68 -14.60 8.75
CA ALA A 203 -3.09 -14.35 10.07
C ALA A 203 -2.42 -15.61 10.57
N ALA A 204 -3.06 -16.76 10.32
CA ALA A 204 -2.45 -18.01 10.75
C ALA A 204 -1.10 -18.20 10.06
N LYS A 205 -1.05 -17.92 8.76
CA LYS A 205 0.19 -17.96 8.00
C LYS A 205 1.25 -17.01 8.56
N ARG A 206 0.89 -15.76 8.85
CA ARG A 206 1.86 -14.84 9.40
C ARG A 206 2.36 -15.36 10.73
N THR A 207 1.41 -15.73 11.60
CA THR A 207 1.72 -16.06 12.99
C THR A 207 2.66 -17.25 13.09
N THR A 208 2.49 -18.21 12.21
CA THR A 208 3.25 -19.45 12.30
C THR A 208 4.49 -19.45 11.41
N ALA A 209 4.62 -18.44 10.55
CA ALA A 209 5.80 -18.34 9.70
C ALA A 209 7.09 -18.39 10.53
N ALA A 210 8.05 -19.18 10.05
CA ALA A 210 9.38 -19.25 10.64
C ALA A 210 10.11 -17.93 10.39
N THR A 211 11.24 -17.74 11.05
CA THR A 211 12.01 -16.51 10.91
C THR A 211 12.58 -16.30 9.51
N LEU A 212 13.02 -17.38 8.87
CA LEU A 212 13.54 -17.26 7.51
C LEU A 212 12.45 -16.78 6.56
N MET A 213 11.21 -17.19 6.84
CA MET A 213 10.08 -16.82 5.98
C MET A 213 9.72 -15.35 6.11
N ASN A 214 9.69 -14.86 7.34
CA ASN A 214 9.48 -13.43 7.59
C ASN A 214 10.57 -12.59 6.90
N ALA A 215 11.79 -13.12 6.94
CA ALA A 215 12.93 -12.46 6.32
C ALA A 215 12.74 -12.37 4.81
N TYR A 216 12.36 -13.48 4.19
CA TYR A 216 12.08 -13.46 2.76
C TYR A 216 11.06 -12.35 2.52
N SER A 217 10.05 -12.30 3.38
CA SER A 217 8.92 -11.40 3.17
C SER A 217 9.39 -9.95 3.22
N SER A 218 10.34 -9.68 4.10
CA SER A 218 10.89 -8.34 4.27
CA SER A 218 10.84 -8.33 4.24
C SER A 218 11.70 -7.91 3.04
N ARG A 219 12.02 -8.88 2.19
CA ARG A 219 12.76 -8.59 0.96
C ARG A 219 11.92 -8.75 -0.27
N SER A 220 10.60 -8.94 -0.08
CA SER A 220 9.72 -9.21 -1.19
C SER A 220 8.66 -8.14 -1.31
N HIS A 221 8.09 -8.01 -2.52
CA HIS A 221 6.91 -7.19 -2.75
C HIS A 221 5.69 -8.10 -2.64
N SER A 222 4.67 -7.62 -1.90
CA SER A 222 3.37 -8.33 -1.85
C SER A 222 2.34 -7.48 -2.63
N VAL A 223 1.59 -8.09 -3.54
CA VAL A 223 0.64 -7.32 -4.32
C VAL A 223 -0.70 -8.00 -4.11
N PHE A 224 -1.55 -7.37 -3.30
CA PHE A 224 -2.91 -7.88 -3.09
C PHE A 224 -3.82 -7.13 -4.06
N SER A 225 -4.52 -7.85 -4.93
CA SER A 225 -5.34 -7.16 -5.93
C SER A 225 -6.81 -7.53 -5.71
N VAL A 226 -7.68 -6.52 -5.64
CA VAL A 226 -9.12 -6.73 -5.54
CA VAL A 226 -9.11 -6.79 -5.58
C VAL A 226 -9.72 -6.27 -6.86
N THR A 227 -10.48 -7.14 -7.51
CA THR A 227 -11.13 -6.74 -8.74
C THR A 227 -12.64 -6.83 -8.48
N ILE A 228 -13.34 -5.74 -8.83
CA ILE A 228 -14.79 -5.63 -8.67
C ILE A 228 -15.48 -5.55 -10.03
N HIS A 229 -16.43 -6.45 -10.26
CA HIS A 229 -17.26 -6.44 -11.46
C HIS A 229 -18.62 -5.95 -11.04
N MET A 230 -19.11 -4.94 -11.74
CA MET A 230 -20.32 -4.28 -11.33
C MET A 230 -21.29 -4.31 -12.51
N LYS A 231 -22.48 -4.85 -12.29
CA LYS A 231 -23.48 -4.97 -13.37
C LYS A 231 -24.52 -3.86 -13.30
N GLU A 232 -24.83 -3.29 -14.46
CA GLU A 232 -25.97 -2.39 -14.60
C GLU A 232 -26.80 -2.87 -15.78
N THR A 233 -28.05 -2.42 -15.82
CA THR A 233 -28.93 -2.73 -16.95
C THR A 233 -29.57 -1.45 -17.46
N THR A 234 -29.30 -1.08 -18.71
CA THR A 234 -29.92 0.11 -19.28
C THR A 234 -31.43 -0.01 -19.19
N ILE A 235 -32.13 1.08 -19.49
CA ILE A 235 -33.59 1.10 -19.34
C ILE A 235 -34.26 -0.03 -20.12
N ASP A 236 -33.81 -0.25 -21.36
CA ASP A 236 -34.39 -1.27 -22.23
C ASP A 236 -33.98 -2.71 -21.86
N GLY A 237 -33.16 -2.85 -20.82
CA GLY A 237 -32.83 -4.16 -20.29
C GLY A 237 -31.52 -4.78 -20.75
N GLU A 238 -30.66 -3.98 -21.37
CA GLU A 238 -29.33 -4.47 -21.75
C GLU A 238 -28.41 -4.56 -20.53
N GLU A 239 -27.62 -5.62 -20.47
CA GLU A 239 -26.66 -5.83 -19.40
C GLU A 239 -25.32 -5.16 -19.72
N LEU A 240 -24.86 -4.29 -18.81
CA LEU A 240 -23.55 -3.67 -18.93
C LEU A 240 -22.70 -4.05 -17.70
N VAL A 241 -21.39 -4.16 -17.89
CA VAL A 241 -20.50 -4.52 -16.78
C VAL A 241 -19.32 -3.56 -16.80
N LYS A 242 -19.01 -3.00 -15.64
CA LYS A 242 -17.79 -2.22 -15.50
C LYS A 242 -16.92 -2.90 -14.45
N ILE A 243 -15.62 -2.71 -14.60
CA ILE A 243 -14.64 -3.37 -13.77
C ILE A 243 -13.75 -2.30 -13.11
N GLY A 244 -13.54 -2.43 -11.80
CA GLY A 244 -12.59 -1.59 -11.10
C GLY A 244 -11.60 -2.48 -10.40
N LYS A 245 -10.31 -2.08 -10.34
CA LYS A 245 -9.29 -2.90 -9.71
C LYS A 245 -8.55 -2.01 -8.71
N LEU A 246 -8.24 -2.55 -7.54
CA LEU A 246 -7.44 -1.79 -6.58
C LEU A 246 -6.29 -2.71 -6.14
N ASN A 247 -5.05 -2.26 -6.36
CA ASN A 247 -3.89 -3.04 -5.94
C ASN A 247 -3.37 -2.41 -4.65
N LEU A 248 -3.13 -3.26 -3.66
CA LEU A 248 -2.68 -2.82 -2.37
C LEU A 248 -1.31 -3.45 -2.18
N VAL A 249 -0.28 -2.63 -2.33
CA VAL A 249 1.07 -3.13 -2.50
C VAL A 249 1.96 -2.84 -1.25
N ASP A 250 2.47 -3.91 -0.65
CA ASP A 250 3.37 -3.88 0.51
C ASP A 250 4.77 -4.15 -0.06
N LEU A 251 5.58 -3.09 -0.19
CA LEU A 251 6.85 -3.15 -0.93
C LEU A 251 7.95 -3.84 -0.13
N ALA A 252 8.98 -4.33 -0.83
CA ALA A 252 10.20 -4.81 -0.14
C ALA A 252 10.83 -3.66 0.67
N GLY A 253 11.49 -4.00 1.77
CA GLY A 253 12.14 -2.99 2.60
C GLY A 253 13.14 -2.15 1.82
N SER A 254 13.17 -0.87 2.13
CA SER A 254 13.93 0.09 1.35
C SER A 254 15.41 0.23 1.81
N GLU A 255 15.77 -0.42 2.91
CA GLU A 255 17.11 -0.30 3.51
C GLU A 255 18.19 -0.83 2.59
N ASN A 256 19.37 -0.21 2.65
CA ASN A 256 20.49 -0.73 1.89
C ASN A 256 21.48 -1.53 2.75
N ASN A 272 21.78 -4.89 -1.06
CA ASN A 272 21.95 -4.66 -2.50
C ASN A 272 20.81 -3.84 -3.10
N ILE A 273 20.59 -3.98 -4.41
CA ILE A 273 19.56 -3.21 -5.13
C ILE A 273 18.40 -4.10 -5.54
N ASN A 274 17.19 -3.69 -5.17
CA ASN A 274 15.99 -4.40 -5.59
C ASN A 274 15.49 -3.90 -6.95
N GLN A 275 15.60 -4.73 -7.98
CA GLN A 275 15.29 -4.26 -9.33
C GLN A 275 13.89 -3.73 -9.49
N SER A 276 12.91 -4.43 -8.95
CA SER A 276 11.54 -3.94 -9.00
C SER A 276 11.32 -2.63 -8.24
N LEU A 277 12.03 -2.40 -7.15
CA LEU A 277 11.80 -1.20 -6.36
C LEU A 277 12.44 0.00 -7.07
N LEU A 278 13.65 -0.20 -7.61
CA LEU A 278 14.34 0.85 -8.38
C LEU A 278 13.49 1.20 -9.61
N THR A 279 12.96 0.17 -10.26
CA THR A 279 12.19 0.40 -11.47
C THR A 279 10.89 1.14 -11.17
N LEU A 280 10.22 0.75 -10.09
CA LEU A 280 9.02 1.46 -9.67
C LEU A 280 9.36 2.94 -9.36
N GLY A 281 10.49 3.19 -8.70
CA GLY A 281 10.90 4.55 -8.42
C GLY A 281 11.03 5.38 -9.70
N ARG A 282 11.71 4.78 -10.67
CA ARG A 282 11.85 5.40 -11.99
C ARG A 282 10.52 5.63 -12.70
N VAL A 283 9.60 4.68 -12.54
CA VAL A 283 8.28 4.83 -13.12
C VAL A 283 7.59 6.02 -12.42
N ILE A 284 7.67 6.07 -11.10
CA ILE A 284 7.02 7.16 -10.38
C ILE A 284 7.63 8.51 -10.79
N THR A 285 8.95 8.57 -10.89
CA THR A 285 9.63 9.76 -11.36
C THR A 285 9.17 10.16 -12.79
N ALA A 286 9.09 9.19 -13.70
CA ALA A 286 8.65 9.46 -15.07
C ALA A 286 7.22 10.06 -15.10
N LEU A 287 6.33 9.46 -14.33
CA LEU A 287 4.95 9.91 -14.19
C LEU A 287 4.85 11.31 -13.61
N VAL A 288 5.57 11.56 -12.53
CA VAL A 288 5.54 12.87 -11.91
C VAL A 288 6.17 13.97 -12.77
N GLU A 289 7.24 13.64 -13.48
CA GLU A 289 7.91 14.64 -14.31
C GLU A 289 7.38 14.71 -15.73
N ARG A 290 6.44 13.83 -16.07
CA ARG A 290 5.90 13.77 -17.43
C ARG A 290 6.97 13.43 -18.47
N THR A 291 7.88 12.57 -18.08
CA THR A 291 8.83 11.98 -19.00
C THR A 291 8.07 11.14 -20.02
N PRO A 292 8.36 11.35 -21.32
CA PRO A 292 7.57 10.64 -22.33
C PRO A 292 7.72 9.12 -22.25
N HIS A 293 8.90 8.62 -21.95
CA HIS A 293 9.09 7.19 -21.78
C HIS A 293 8.95 6.79 -20.31
N VAL A 294 7.90 6.03 -19.99
CA VAL A 294 7.75 5.49 -18.64
C VAL A 294 8.14 4.03 -18.70
N PRO A 295 9.19 3.65 -17.93
CA PRO A 295 9.86 2.35 -18.08
C PRO A 295 9.16 1.12 -17.46
N TYR A 296 7.86 0.97 -17.70
CA TYR A 296 7.13 -0.15 -17.11
C TYR A 296 7.73 -1.55 -17.35
N ARG A 297 8.26 -1.77 -18.56
CA ARG A 297 8.68 -3.11 -18.95
C ARG A 297 9.94 -3.58 -18.24
N GLU A 298 10.59 -2.67 -17.51
CA GLU A 298 11.90 -2.94 -16.94
C GLU A 298 11.86 -3.78 -15.67
N SER A 299 10.66 -4.07 -15.15
CA SER A 299 10.57 -4.93 -13.97
C SER A 299 9.25 -5.67 -13.93
N LYS A 300 9.25 -6.81 -13.25
CA LYS A 300 8.02 -7.59 -13.06
CA LYS A 300 8.02 -7.58 -13.05
C LYS A 300 6.95 -6.74 -12.36
N LEU A 301 7.32 -6.07 -11.28
CA LEU A 301 6.38 -5.28 -10.52
C LEU A 301 5.72 -4.19 -11.34
N THR A 302 6.49 -3.44 -12.11
CA THR A 302 5.90 -2.35 -12.86
C THR A 302 5.12 -2.85 -14.08
N ARG A 303 5.45 -4.04 -14.60
CA ARG A 303 4.63 -4.62 -15.69
C ARG A 303 3.24 -4.99 -15.14
N ILE A 304 3.24 -5.61 -13.96
CA ILE A 304 2.01 -5.96 -13.27
C ILE A 304 1.15 -4.73 -12.92
N LEU A 305 1.79 -3.62 -12.58
CA LEU A 305 1.02 -2.47 -12.16
C LEU A 305 0.74 -1.44 -13.25
N GLN A 306 1.25 -1.67 -14.45
CA GLN A 306 1.15 -0.72 -15.54
C GLN A 306 -0.29 -0.26 -15.76
N ASP A 307 -1.23 -1.20 -15.74
CA ASP A 307 -2.62 -0.86 -16.03
C ASP A 307 -3.34 -0.10 -14.89
N SER A 308 -2.63 0.13 -13.79
CA SER A 308 -3.19 0.87 -12.67
CA SER A 308 -3.19 0.86 -12.66
C SER A 308 -2.31 2.05 -12.28
N LEU A 309 -1.36 2.39 -13.15
CA LEU A 309 -0.50 3.53 -12.97
C LEU A 309 -0.68 4.43 -14.18
N GLY A 310 -0.40 5.71 -13.99
CA GLY A 310 -0.44 6.66 -15.08
C GLY A 310 -1.71 6.58 -15.93
N GLY A 311 -2.65 7.48 -15.64
CA GLY A 311 -3.87 7.60 -16.40
C GLY A 311 -4.79 8.56 -15.70
N ARG A 312 -6.08 8.22 -15.67
CA ARG A 312 -7.02 8.99 -14.86
C ARG A 312 -6.65 8.83 -13.37
N THR A 313 -5.99 7.73 -13.04
CA THR A 313 -6.10 7.10 -11.72
C THR A 313 -5.37 7.73 -10.55
N ARG A 314 -6.08 7.80 -9.43
CA ARG A 314 -5.49 8.13 -8.14
C ARG A 314 -4.53 7.05 -7.65
N THR A 315 -3.31 7.46 -7.31
CA THR A 315 -2.28 6.56 -6.76
C THR A 315 -1.87 7.17 -5.44
N SER A 316 -1.52 6.36 -4.45
CA SER A 316 -1.00 6.91 -3.21
CA SER A 316 -0.97 6.92 -3.21
C SER A 316 0.18 6.10 -2.71
N ILE A 317 1.14 6.81 -2.14
CA ILE A 317 2.29 6.18 -1.51
C ILE A 317 2.28 6.57 -0.03
N ILE A 318 2.32 5.54 0.82
CA ILE A 318 2.39 5.75 2.25
C ILE A 318 3.80 5.36 2.62
N ALA A 319 4.60 6.36 2.99
CA ALA A 319 6.00 6.14 3.36
C ALA A 319 6.06 5.98 4.88
N THR A 320 6.55 4.84 5.34
CA THR A 320 6.58 4.59 6.76
C THR A 320 7.99 4.84 7.32
N ILE A 321 8.05 5.38 8.52
CA ILE A 321 9.33 5.66 9.17
C ILE A 321 9.28 5.34 10.65
N SER A 322 10.49 5.19 11.22
CA SER A 322 10.70 5.07 12.67
C SER A 322 11.13 6.43 13.21
N PRO A 323 10.79 6.76 14.48
CA PRO A 323 11.16 8.03 15.09
C PRO A 323 12.57 7.99 15.72
N ALA A 324 13.18 6.82 15.78
CA ALA A 324 14.39 6.63 16.60
C ALA A 324 15.70 7.05 15.92
N SER A 325 16.63 7.55 16.74
CA SER A 325 17.91 8.04 16.27
CA SER A 325 17.92 8.03 16.24
C SER A 325 18.73 6.94 15.56
N LEU A 326 18.56 5.69 16.02
CA LEU A 326 19.20 4.51 15.45
C LEU A 326 18.99 4.43 13.92
N ASN A 327 17.89 5.02 13.45
CA ASN A 327 17.50 4.83 12.07
C ASN A 327 17.63 6.06 11.19
N LEU A 328 18.41 7.04 11.65
CA LEU A 328 18.56 8.31 10.95
C LEU A 328 18.81 8.15 9.47
N GLU A 329 19.81 7.34 9.10
CA GLU A 329 20.17 7.26 7.69
C GLU A 329 18.98 6.74 6.87
N GLU A 330 18.33 5.70 7.37
CA GLU A 330 17.23 5.08 6.60
C GLU A 330 16.00 5.99 6.59
N THR A 331 15.74 6.66 7.71
CA THR A 331 14.65 7.60 7.73
C THR A 331 14.89 8.76 6.76
N LEU A 332 16.10 9.28 6.70
CA LEU A 332 16.34 10.40 5.77
C LEU A 332 16.24 9.94 4.34
N SER A 333 16.68 8.71 4.08
CA SER A 333 16.60 8.15 2.75
CA SER A 333 16.58 8.15 2.74
C SER A 333 15.14 8.13 2.30
N THR A 334 14.28 7.54 3.14
CA THR A 334 12.87 7.46 2.81
C THR A 334 12.24 8.84 2.58
N LEU A 335 12.50 9.77 3.48
CA LEU A 335 11.93 11.11 3.38
C LEU A 335 12.43 11.84 2.12
N GLU A 336 13.73 11.74 1.83
CA GLU A 336 14.27 12.37 0.62
C GLU A 336 13.61 11.87 -0.67
N TYR A 337 13.47 10.54 -0.78
CA TYR A 337 12.75 9.95 -1.89
C TYR A 337 11.31 10.41 -1.98
N ALA A 338 10.61 10.39 -0.84
CA ALA A 338 9.18 10.66 -0.83
C ALA A 338 8.97 12.10 -1.18
N HIS A 339 9.86 12.95 -0.68
CA HIS A 339 9.81 14.40 -0.93
C HIS A 339 9.96 14.70 -2.42
N ARG A 340 10.88 14.00 -3.08
CA ARG A 340 11.10 14.20 -4.51
C ARG A 340 9.91 13.72 -5.32
N ALA A 341 9.29 12.64 -4.85
CA ALA A 341 8.11 12.11 -5.52
C ALA A 341 6.91 13.07 -5.50
N LYS A 342 6.91 13.99 -4.56
CA LYS A 342 5.82 14.95 -4.51
C LYS A 342 6.37 16.38 -4.68
N ASN A 343 7.57 16.59 -4.16
CA ASN A 343 8.18 17.93 -4.08
CA ASN A 343 8.18 17.93 -4.08
C ASN A 343 7.22 19.06 -3.74
N ILE A 344 7.00 19.27 -2.45
CA ILE A 344 6.20 20.40 -1.96
C ILE A 344 7.12 21.36 -1.18
N LEU A 345 7.13 22.63 -1.57
CA LEU A 345 7.95 23.62 -0.89
C LEU A 345 7.45 23.86 0.54
N ASN A 346 8.37 23.87 1.51
CA ASN A 346 8.02 24.22 2.89
C ASN A 346 7.38 25.60 2.97
N LYS A 347 6.23 25.69 3.65
CA LYS A 347 5.57 26.97 3.91
C LYS A 347 6.32 27.70 5.03
N PRO A 348 6.69 28.97 4.78
CA PRO A 348 7.40 29.78 5.78
C PRO A 348 6.52 30.13 6.97
#